data_3PM0
#
_entry.id   3PM0
#
_cell.length_a   84.170
_cell.length_b   103.980
_cell.length_c   62.970
_cell.angle_alpha   90.000
_cell.angle_beta   90.000
_cell.angle_gamma   90.000
#
_symmetry.space_group_name_H-M   'P 21 21 2'
#
loop_
_entity.id
_entity.type
_entity.pdbx_description
1 polymer 'Cytochrome P450 1B1'
2 non-polymer 'PROTOPORPHYRIN IX CONTAINING FE'
3 non-polymer 2-PHENYL-4H-BENZO[H]CHROMEN-4-ONE
4 water water
#
_entity_poly.entity_id   1
_entity_poly.type   'polypeptide(L)'
_entity_poly.pdbx_seq_one_letter_code
;MAKKTSSKGKPPGPFAWPLIGNAAAVGQAAHLSFARLARRYGDVFQIRLGSCPIVVLNGERAIHQALVQQGSAFADRPSF
ASFRVVSGGRSMAFGHYSEHWKVQRRAAHSMMRNFFTRQPRSRQVLEGHVLSEARELVALLVRGSADGAFLDPRPLTVVA
VANVMSAVCFGCRYSHDDPEFRELLSHNEEFGRTVGAGSLVDVMPWLQYFPNPVRTVFREFEQLNRNFSNFILDKFLRHC
ESLRPGAAPRDMMDAFILSAEKKAAGDSHGGGARLDLENVPATITDIFGASQDTLSTALQWLLLLFTRYPDVQTRVQAEL
DQVVGRDRLPCMGDQPNLPYVLAFLYEAMRFSSFVPVTIPHATTANTSVLGYHIPKDTVVFVNQWSVNHDPLKWPNPENF
DPARFLDKDGLINKDLTSRVMIFSVGKRRCIGEELSKMQLFLFISILAHQCDFRANPNEPAKMNFSYGLTIKPKSFKVNV
TLRESMELLDSAVQNLQAKETCQHHHH
;
_entity_poly.pdbx_strand_id   A
#
# COMPACT_ATOMS: atom_id res chain seq x y z
N GLN A 28 20.19 -10.84 0.11
CA GLN A 28 19.56 -12.03 0.66
C GLN A 28 18.14 -11.71 1.15
N ALA A 29 17.38 -10.98 0.33
CA ALA A 29 16.00 -10.60 0.67
C ALA A 29 15.08 -11.80 0.46
N ALA A 30 14.17 -12.02 1.40
CA ALA A 30 13.24 -13.15 1.33
C ALA A 30 12.76 -13.49 -0.07
N HIS A 31 11.99 -12.58 -0.67
CA HIS A 31 11.46 -12.83 -2.01
C HIS A 31 12.53 -13.19 -3.02
N LEU A 32 13.79 -12.89 -2.69
CA LEU A 32 14.88 -13.19 -3.61
C LEU A 32 15.33 -14.64 -3.47
N SER A 33 15.44 -15.11 -2.23
CA SER A 33 15.86 -16.49 -1.98
C SER A 33 14.81 -17.45 -2.53
N PHE A 34 13.54 -17.16 -2.23
CA PHE A 34 12.42 -17.99 -2.70
C PHE A 34 12.42 -18.18 -4.21
N ALA A 35 12.53 -17.07 -4.94
CA ALA A 35 12.54 -17.12 -6.39
C ALA A 35 13.74 -17.90 -6.91
N ARG A 36 14.82 -17.88 -6.11
CA ARG A 36 16.07 -18.58 -6.43
C ARG A 36 15.89 -20.07 -6.16
N LEU A 37 15.29 -20.41 -5.02
CA LEU A 37 15.07 -21.80 -4.66
C LEU A 37 14.07 -22.46 -5.63
N ALA A 38 13.33 -21.63 -6.34
CA ALA A 38 12.34 -22.11 -7.27
C ALA A 38 12.97 -22.52 -8.60
N ARG A 39 14.20 -22.09 -8.83
CA ARG A 39 14.92 -22.42 -10.06
C ARG A 39 15.56 -23.80 -9.96
N ARG A 40 15.24 -24.51 -8.88
CA ARG A 40 15.77 -25.84 -8.64
C ARG A 40 14.71 -26.79 -8.11
N TYR A 41 13.77 -26.26 -7.32
CA TYR A 41 12.71 -27.08 -6.75
C TYR A 41 11.32 -26.71 -7.26
N GLY A 42 11.27 -25.89 -8.30
CA GLY A 42 10.00 -25.49 -8.86
C GLY A 42 9.27 -24.35 -8.18
N ASP A 43 8.13 -23.96 -8.73
CA ASP A 43 7.35 -22.87 -8.17
C ASP A 43 6.84 -23.15 -6.74
N VAL A 44 6.41 -24.39 -6.48
CA VAL A 44 5.90 -24.80 -5.16
C VAL A 44 6.94 -25.62 -4.39
N PHE A 45 7.19 -25.24 -3.15
CA PHE A 45 8.14 -25.94 -2.28
C PHE A 45 7.95 -25.38 -0.86
N GLN A 46 8.63 -25.97 0.11
CA GLN A 46 8.47 -25.51 1.48
C GLN A 46 9.79 -25.24 2.18
N ILE A 47 9.79 -24.17 2.96
CA ILE A 47 10.96 -23.78 3.71
C ILE A 47 10.59 -23.95 5.17
N ARG A 48 11.54 -23.68 6.06
CA ARG A 48 11.27 -23.82 7.47
C ARG A 48 11.88 -22.65 8.21
N LEU A 49 11.04 -21.83 8.82
CA LEU A 49 11.48 -20.69 9.61
C LEU A 49 11.38 -21.16 11.04
N GLY A 50 12.51 -21.48 11.65
CA GLY A 50 12.45 -21.99 13.01
C GLY A 50 11.60 -23.26 13.06
N SER A 51 10.46 -23.18 13.72
CA SER A 51 9.58 -24.34 13.90
C SER A 51 8.49 -24.47 12.85
N CYS A 52 8.21 -23.39 12.12
CA CYS A 52 7.16 -23.45 11.13
C CYS A 52 7.62 -23.75 9.72
N PRO A 53 6.98 -24.73 9.10
CA PRO A 53 7.32 -25.11 7.74
C PRO A 53 6.38 -24.33 6.82
N ILE A 54 6.90 -23.35 6.11
CA ILE A 54 6.07 -22.54 5.22
C ILE A 54 6.18 -23.06 3.79
N VAL A 55 5.06 -22.98 3.07
CA VAL A 55 4.97 -23.40 1.68
C VAL A 55 4.88 -22.15 0.81
N VAL A 56 5.95 -21.87 0.08
CA VAL A 56 6.01 -20.71 -0.78
C VAL A 56 5.47 -20.98 -2.20
N LEU A 57 4.70 -20.02 -2.72
CA LEU A 57 4.12 -20.08 -4.07
C LEU A 57 4.92 -19.04 -4.83
N ASN A 58 5.43 -19.39 -6.00
CA ASN A 58 6.24 -18.44 -6.75
C ASN A 58 5.77 -17.97 -8.11
N GLY A 59 5.16 -18.83 -8.90
CA GLY A 59 4.74 -18.37 -10.22
C GLY A 59 3.32 -17.87 -10.28
N GLU A 60 2.88 -17.42 -11.46
CA GLU A 60 1.52 -16.96 -11.58
C GLU A 60 0.56 -18.14 -11.55
N ARG A 61 0.86 -19.20 -12.31
CA ARG A 61 -0.06 -20.33 -12.32
C ARG A 61 -0.24 -20.98 -10.96
N ALA A 62 0.79 -20.97 -10.13
CA ALA A 62 0.69 -21.56 -8.81
C ALA A 62 -0.09 -20.61 -7.90
N ILE A 63 0.26 -19.32 -8.01
CA ILE A 63 -0.37 -18.28 -7.21
C ILE A 63 -1.84 -18.17 -7.57
N HIS A 64 -2.12 -18.27 -8.86
CA HIS A 64 -3.48 -18.18 -9.35
C HIS A 64 -4.27 -19.45 -9.07
N GLN A 65 -3.60 -20.60 -9.01
CA GLN A 65 -4.28 -21.88 -8.75
C GLN A 65 -4.61 -22.05 -7.28
N ALA A 66 -3.81 -21.46 -6.41
CA ALA A 66 -4.07 -21.53 -4.98
C ALA A 66 -5.06 -20.41 -4.64
N LEU A 67 -4.61 -19.17 -4.73
CA LEU A 67 -5.47 -18.04 -4.38
C LEU A 67 -6.75 -17.81 -5.17
N VAL A 68 -6.77 -18.21 -6.42
CA VAL A 68 -7.95 -17.98 -7.27
C VAL A 68 -8.82 -19.21 -7.42
N GLN A 69 -8.33 -20.17 -8.18
CA GLN A 69 -9.06 -21.39 -8.45
C GLN A 69 -9.44 -22.15 -7.17
N GLN A 70 -8.53 -22.22 -6.21
CA GLN A 70 -8.83 -22.88 -4.94
C GLN A 70 -8.92 -21.82 -3.84
N GLY A 71 -9.21 -20.58 -4.24
CA GLY A 71 -9.34 -19.49 -3.31
C GLY A 71 -10.38 -19.87 -2.28
N SER A 72 -10.01 -19.75 -1.01
CA SER A 72 -10.89 -20.13 0.08
C SER A 72 -10.12 -21.18 0.89
N ALA A 73 -9.38 -22.01 0.17
CA ALA A 73 -8.55 -23.04 0.78
C ALA A 73 -7.34 -22.30 1.29
N PHE A 74 -7.07 -21.17 0.64
CA PHE A 74 -5.92 -20.34 0.97
C PHE A 74 -6.29 -18.93 1.49
N ALA A 75 -7.56 -18.74 1.81
CA ALA A 75 -8.03 -17.45 2.27
C ALA A 75 -7.89 -17.20 3.76
N ASP A 76 -7.12 -18.00 4.47
CA ASP A 76 -6.98 -17.75 5.91
C ASP A 76 -5.71 -16.97 6.26
N ARG A 77 -5.50 -16.74 7.55
CA ARG A 77 -4.32 -16.04 8.03
C ARG A 77 -3.70 -16.95 9.06
N PRO A 78 -2.37 -16.95 9.14
CA PRO A 78 -1.69 -17.82 10.11
C PRO A 78 -2.00 -17.39 11.54
N SER A 79 -1.93 -18.34 12.46
CA SER A 79 -2.20 -18.09 13.87
C SER A 79 -1.01 -17.50 14.61
N PHE A 80 -0.46 -16.41 14.06
CA PHE A 80 0.68 -15.73 14.65
C PHE A 80 0.26 -14.77 15.77
N ALA A 81 0.89 -14.89 16.93
CA ALA A 81 0.55 -14.04 18.06
C ALA A 81 0.57 -12.57 17.72
N SER A 82 1.46 -12.14 16.83
CA SER A 82 1.55 -10.75 16.49
C SER A 82 0.34 -10.26 15.69
N PHE A 83 -0.18 -11.08 14.78
CA PHE A 83 -1.35 -10.67 14.00
C PHE A 83 -2.48 -10.26 14.92
N ARG A 84 -2.63 -11.05 15.99
CA ARG A 84 -3.63 -10.92 17.03
C ARG A 84 -3.59 -9.55 17.71
N VAL A 85 -2.40 -8.93 17.73
CA VAL A 85 -2.19 -7.62 18.34
C VAL A 85 -2.75 -6.46 17.53
N VAL A 86 -2.86 -6.63 16.22
CA VAL A 86 -3.34 -5.57 15.34
C VAL A 86 -4.85 -5.27 15.52
N SER A 87 -5.17 -3.98 15.55
CA SER A 87 -6.54 -3.50 15.70
C SER A 87 -7.27 -4.13 16.90
N GLY A 88 -6.63 -4.02 18.07
CA GLY A 88 -7.20 -4.56 19.28
C GLY A 88 -7.76 -5.95 19.12
N GLY A 89 -7.18 -6.74 18.22
CA GLY A 89 -7.64 -8.10 18.02
C GLY A 89 -8.77 -8.28 17.03
N ARG A 90 -9.15 -7.22 16.33
CA ARG A 90 -10.25 -7.30 15.39
C ARG A 90 -9.95 -6.91 13.94
N SER A 91 -8.69 -7.01 13.55
CA SER A 91 -8.25 -6.68 12.20
C SER A 91 -8.94 -7.54 11.14
N MET A 92 -9.24 -6.94 9.98
CA MET A 92 -9.84 -7.67 8.87
C MET A 92 -8.71 -8.22 7.99
N ALA A 93 -7.57 -7.53 7.99
CA ALA A 93 -6.40 -7.93 7.21
C ALA A 93 -5.64 -9.06 7.87
N PHE A 94 -5.53 -8.99 9.19
CA PHE A 94 -4.81 -10.00 9.95
C PHE A 94 -5.66 -11.00 10.73
N GLY A 95 -6.98 -10.95 10.55
CA GLY A 95 -7.86 -11.87 11.24
C GLY A 95 -8.03 -13.10 10.38
N HIS A 96 -8.65 -14.13 10.96
CA HIS A 96 -8.91 -15.39 10.28
C HIS A 96 -10.16 -15.41 9.38
N TYR A 97 -10.22 -16.41 8.52
CA TYR A 97 -11.33 -16.61 7.62
C TYR A 97 -12.45 -17.28 8.40
N SER A 98 -13.63 -16.67 8.41
CA SER A 98 -14.80 -17.21 9.11
C SER A 98 -15.99 -16.34 8.76
N GLU A 99 -17.17 -16.71 9.22
CA GLU A 99 -18.37 -15.92 8.90
C GLU A 99 -18.30 -14.50 9.42
N HIS A 100 -17.95 -14.33 10.69
CA HIS A 100 -17.83 -13.01 11.28
C HIS A 100 -16.85 -12.20 10.45
N TRP A 101 -15.76 -12.84 10.04
CA TRP A 101 -14.77 -12.17 9.22
C TRP A 101 -15.34 -11.85 7.86
N LYS A 102 -16.16 -12.75 7.34
CA LYS A 102 -16.74 -12.62 6.02
C LYS A 102 -17.58 -11.37 5.77
N VAL A 103 -18.28 -10.91 6.80
CA VAL A 103 -19.12 -9.70 6.67
C VAL A 103 -18.24 -8.49 6.92
N GLN A 104 -17.23 -8.65 7.75
CA GLN A 104 -16.32 -7.56 8.05
C GLN A 104 -15.59 -7.14 6.76
N ARG A 105 -15.22 -8.12 5.94
CA ARG A 105 -14.55 -7.82 4.70
C ARG A 105 -15.53 -7.29 3.65
N ARG A 106 -16.68 -7.94 3.55
CA ARG A 106 -17.71 -7.55 2.59
C ARG A 106 -18.11 -6.10 2.86
N ALA A 107 -18.30 -5.81 4.15
CA ALA A 107 -18.67 -4.47 4.62
C ALA A 107 -17.55 -3.47 4.37
N ALA A 108 -16.31 -3.91 4.57
CA ALA A 108 -15.15 -3.05 4.34
C ALA A 108 -14.97 -2.75 2.85
N HIS A 109 -15.19 -3.76 2.00
CA HIS A 109 -15.05 -3.63 0.56
C HIS A 109 -16.20 -2.76 0.05
N SER A 110 -17.38 -2.88 0.67
CA SER A 110 -18.54 -2.07 0.25
C SER A 110 -18.27 -0.59 0.40
N MET A 111 -17.74 -0.20 1.55
CA MET A 111 -17.43 1.20 1.81
C MET A 111 -16.42 1.71 0.79
N MET A 112 -15.37 0.92 0.56
CA MET A 112 -14.35 1.26 -0.42
C MET A 112 -14.83 1.40 -1.86
N ARG A 113 -15.90 0.70 -2.21
CA ARG A 113 -16.42 0.75 -3.56
C ARG A 113 -17.42 1.87 -3.70
N ASN A 114 -18.36 1.91 -2.77
CA ASN A 114 -19.39 2.93 -2.77
C ASN A 114 -18.86 4.30 -2.38
N PHE A 115 -18.24 4.37 -1.21
CA PHE A 115 -17.69 5.63 -0.70
C PHE A 115 -17.15 6.49 -1.83
N PHE A 116 -16.49 5.85 -2.79
CA PHE A 116 -15.91 6.55 -3.92
C PHE A 116 -16.84 6.34 -5.11
N THR A 117 -17.40 7.44 -5.60
CA THR A 117 -18.33 7.40 -6.72
C THR A 117 -19.74 7.16 -6.20
N ARG A 118 -19.95 7.41 -4.91
CA ARG A 118 -21.27 7.22 -4.31
C ARG A 118 -22.20 8.35 -4.69
N GLN A 119 -21.73 9.59 -4.53
CA GLN A 119 -22.51 10.76 -4.88
C GLN A 119 -21.83 11.57 -5.98
N PRO A 120 -22.62 12.29 -6.80
CA PRO A 120 -22.03 13.10 -7.87
C PRO A 120 -21.05 14.09 -7.25
N ARG A 121 -20.05 14.49 -8.02
CA ARG A 121 -19.06 15.44 -7.52
C ARG A 121 -18.23 14.85 -6.37
N SER A 122 -18.40 13.55 -6.09
CA SER A 122 -17.61 12.90 -5.02
C SER A 122 -16.15 12.80 -5.44
N ARG A 123 -15.93 12.29 -6.64
CA ARG A 123 -14.58 12.18 -7.18
C ARG A 123 -13.83 13.51 -6.93
N GLN A 124 -14.53 14.62 -7.13
CA GLN A 124 -13.92 15.93 -6.95
C GLN A 124 -13.43 16.17 -5.54
N VAL A 125 -14.23 15.77 -4.55
CA VAL A 125 -13.80 16.01 -3.18
C VAL A 125 -12.56 15.19 -2.86
N LEU A 126 -12.47 14.01 -3.45
CA LEU A 126 -11.33 13.14 -3.26
C LEU A 126 -10.12 13.84 -3.90
N GLU A 127 -10.23 14.13 -5.17
CA GLU A 127 -9.16 14.79 -5.90
C GLU A 127 -8.74 16.08 -5.21
N GLY A 128 -9.66 16.74 -4.53
CA GLY A 128 -9.30 17.98 -3.87
C GLY A 128 -8.29 17.69 -2.77
N HIS A 129 -8.53 16.61 -2.02
CA HIS A 129 -7.63 16.25 -0.95
C HIS A 129 -6.23 16.02 -1.50
N VAL A 130 -6.14 15.25 -2.58
CA VAL A 130 -4.85 14.97 -3.17
C VAL A 130 -4.25 16.30 -3.64
N LEU A 131 -5.01 17.03 -4.42
CA LEU A 131 -4.54 18.31 -4.92
C LEU A 131 -4.07 19.16 -3.78
N SER A 132 -4.82 19.14 -2.69
CA SER A 132 -4.48 19.92 -1.51
C SER A 132 -3.18 19.49 -0.82
N GLU A 133 -2.92 18.18 -0.76
CA GLU A 133 -1.69 17.69 -0.12
C GLU A 133 -0.52 17.80 -1.11
N ALA A 134 -0.82 17.73 -2.39
CA ALA A 134 0.21 17.85 -3.40
C ALA A 134 0.81 19.26 -3.32
N ARG A 135 -0.04 20.24 -3.03
CA ARG A 135 0.40 21.63 -2.94
C ARG A 135 1.35 21.82 -1.77
N GLU A 136 0.93 21.39 -0.58
CA GLU A 136 1.75 21.52 0.62
C GLU A 136 3.02 20.69 0.49
N LEU A 137 2.94 19.59 -0.27
CA LEU A 137 4.10 18.70 -0.47
C LEU A 137 5.19 19.31 -1.36
N VAL A 138 4.81 19.87 -2.52
CA VAL A 138 5.79 20.48 -3.42
C VAL A 138 6.39 21.72 -2.76
N ALA A 139 5.58 22.41 -1.98
CA ALA A 139 6.03 23.61 -1.31
C ALA A 139 7.16 23.34 -0.33
N LEU A 140 7.04 22.29 0.47
CA LEU A 140 8.10 21.98 1.44
C LEU A 140 9.32 21.45 0.74
N LEU A 141 9.09 20.61 -0.27
CA LEU A 141 10.18 20.01 -1.03
C LEU A 141 10.97 21.09 -1.73
N VAL A 142 10.28 22.07 -2.31
CA VAL A 142 10.94 23.15 -3.03
C VAL A 142 11.62 24.12 -2.06
N ARG A 143 10.91 24.42 -0.98
CA ARG A 143 11.42 25.32 0.05
C ARG A 143 12.67 24.68 0.64
N GLY A 144 12.58 23.42 1.04
CA GLY A 144 13.72 22.74 1.63
C GLY A 144 14.69 22.20 0.62
N SER A 145 14.81 22.86 -0.52
CA SER A 145 15.68 22.40 -1.58
C SER A 145 16.35 23.59 -2.27
N ALA A 146 16.16 24.77 -1.68
CA ALA A 146 16.70 26.03 -2.18
C ALA A 146 18.23 26.09 -2.27
N ASP A 147 18.72 26.88 -3.21
CA ASP A 147 20.15 27.05 -3.40
C ASP A 147 20.93 25.76 -3.63
N GLY A 148 20.36 24.83 -4.38
CA GLY A 148 21.04 23.59 -4.65
C GLY A 148 21.01 22.60 -3.51
N ALA A 149 20.14 22.80 -2.53
CA ALA A 149 20.05 21.89 -1.39
C ALA A 149 19.30 20.58 -1.67
N PHE A 150 19.57 19.58 -0.83
CA PHE A 150 18.94 18.27 -0.90
C PHE A 150 18.23 18.00 0.42
N LEU A 151 17.18 17.20 0.34
CA LEU A 151 16.41 16.85 1.52
C LEU A 151 15.75 15.53 1.26
N ASP A 152 15.61 14.74 2.33
CA ASP A 152 14.97 13.42 2.28
C ASP A 152 13.45 13.60 2.24
N PRO A 153 12.83 13.21 1.12
CA PRO A 153 11.39 13.30 0.87
C PRO A 153 10.45 12.44 1.72
N ARG A 154 10.90 11.25 2.12
CA ARG A 154 10.07 10.31 2.89
C ARG A 154 9.15 10.84 4.01
N PRO A 155 9.72 11.42 5.06
CA PRO A 155 8.82 11.92 6.11
C PRO A 155 7.70 12.76 5.51
N LEU A 156 8.07 13.55 4.52
CA LEU A 156 7.13 14.42 3.87
C LEU A 156 6.05 13.67 3.12
N THR A 157 6.41 12.57 2.46
CA THR A 157 5.44 11.82 1.70
C THR A 157 4.47 11.04 2.58
N VAL A 158 4.92 10.64 3.76
CA VAL A 158 4.00 9.90 4.63
C VAL A 158 2.89 10.85 5.07
N VAL A 159 3.29 12.00 5.59
CA VAL A 159 2.34 13.00 6.05
C VAL A 159 1.36 13.44 4.97
N ALA A 160 1.82 13.53 3.73
CA ALA A 160 0.94 13.96 2.62
C ALA A 160 -0.14 12.92 2.29
N VAL A 161 0.20 11.65 2.43
CA VAL A 161 -0.72 10.58 2.13
C VAL A 161 -1.65 10.25 3.31
N ALA A 162 -1.11 10.42 4.51
CA ALA A 162 -1.89 10.16 5.71
C ALA A 162 -2.95 11.24 5.82
N ASN A 163 -2.66 12.42 5.29
CA ASN A 163 -3.63 13.49 5.39
C ASN A 163 -4.72 13.27 4.38
N VAL A 164 -4.38 12.75 3.23
CA VAL A 164 -5.44 12.52 2.25
C VAL A 164 -6.43 11.64 2.92
N MET A 165 -5.94 10.63 3.66
CA MET A 165 -6.79 9.64 4.34
C MET A 165 -7.29 10.09 5.68
N SER A 166 -6.60 11.05 6.29
CA SER A 166 -7.04 11.56 7.58
C SER A 166 -8.32 12.31 7.25
N ALA A 167 -8.33 13.03 6.14
CA ALA A 167 -9.53 13.76 5.75
C ALA A 167 -10.63 12.84 5.22
N VAL A 168 -10.25 11.79 4.49
CA VAL A 168 -11.25 10.89 3.96
C VAL A 168 -11.91 10.09 5.08
N CYS A 169 -11.11 9.74 6.08
CA CYS A 169 -11.58 8.93 7.21
C CYS A 169 -12.12 9.67 8.42
N PHE A 170 -11.55 10.84 8.72
CA PHE A 170 -11.99 11.59 9.89
C PHE A 170 -12.45 13.00 9.53
N GLY A 171 -12.12 13.45 8.33
CA GLY A 171 -12.54 14.78 7.92
C GLY A 171 -11.67 15.86 8.50
N CYS A 172 -10.50 15.46 8.97
CA CYS A 172 -9.53 16.35 9.58
C CYS A 172 -8.12 16.04 9.05
N ARG A 173 -7.38 17.06 8.62
CA ARG A 173 -6.01 16.84 8.18
C ARG A 173 -5.08 17.51 9.21
N TYR A 174 -3.85 17.03 9.34
CA TYR A 174 -2.91 17.56 10.31
C TYR A 174 -1.82 18.42 9.69
N SER A 175 -1.24 19.31 10.48
CA SER A 175 -0.16 20.17 10.01
C SER A 175 1.03 19.27 9.83
N HIS A 176 1.81 19.49 8.77
CA HIS A 176 3.00 18.69 8.51
C HIS A 176 3.98 18.87 9.67
N ASP A 177 3.73 19.88 10.50
CA ASP A 177 4.59 20.18 11.65
C ASP A 177 4.13 19.42 12.88
N ASP A 178 2.86 19.04 12.89
CA ASP A 178 2.29 18.28 13.99
C ASP A 178 3.17 17.10 14.39
N PRO A 179 3.81 17.21 15.55
CA PRO A 179 4.69 16.18 16.09
C PRO A 179 3.96 14.89 16.46
N GLU A 180 2.91 15.03 17.26
CA GLU A 180 2.10 13.91 17.71
C GLU A 180 1.56 13.05 16.54
N PHE A 181 1.42 13.65 15.37
CA PHE A 181 0.92 12.94 14.21
C PHE A 181 2.09 12.36 13.40
N ARG A 182 3.18 13.11 13.31
CA ARG A 182 4.35 12.62 12.58
C ARG A 182 4.95 11.44 13.36
N GLU A 183 4.75 11.45 14.68
CA GLU A 183 5.21 10.40 15.57
C GLU A 183 4.40 9.12 15.31
N LEU A 184 3.08 9.25 15.39
CA LEU A 184 2.14 8.15 15.13
C LEU A 184 2.48 7.45 13.80
N LEU A 185 3.00 8.21 12.84
CA LEU A 185 3.32 7.64 11.54
C LEU A 185 4.80 7.42 11.31
N SER A 186 5.58 7.39 12.38
CA SER A 186 7.02 7.22 12.23
C SER A 186 7.49 5.83 12.62
N HIS A 187 6.61 4.85 12.44
CA HIS A 187 6.93 3.48 12.82
C HIS A 187 6.48 2.46 11.80
N ASN A 188 6.21 2.87 10.57
CA ASN A 188 5.74 1.90 9.58
C ASN A 188 6.73 0.77 9.28
N GLU A 189 8.03 1.02 9.48
CA GLU A 189 9.02 -0.02 9.23
C GLU A 189 8.91 -1.14 10.28
N GLU A 190 8.74 -0.78 11.55
CA GLU A 190 8.60 -1.77 12.59
C GLU A 190 7.37 -2.60 12.38
N PHE A 191 6.40 -2.08 11.62
CA PHE A 191 5.17 -2.83 11.41
C PHE A 191 5.35 -3.91 10.37
N GLY A 192 6.04 -3.59 9.29
CA GLY A 192 6.25 -4.58 8.23
C GLY A 192 7.30 -5.60 8.61
N ARG A 193 8.27 -5.22 9.43
CA ARG A 193 9.30 -6.15 9.84
C ARG A 193 8.70 -7.23 10.72
N THR A 194 7.67 -6.87 11.48
CA THR A 194 7.05 -7.81 12.39
C THR A 194 6.17 -8.85 11.71
N VAL A 195 5.31 -8.41 10.80
CA VAL A 195 4.40 -9.31 10.12
C VAL A 195 4.90 -9.77 8.75
N GLY A 196 5.90 -9.08 8.21
CA GLY A 196 6.42 -9.45 6.90
C GLY A 196 6.88 -10.89 6.80
N ALA A 197 6.53 -11.56 5.69
CA ALA A 197 6.92 -12.96 5.46
C ALA A 197 8.43 -13.02 5.49
N GLY A 198 8.95 -13.82 6.41
CA GLY A 198 10.39 -13.92 6.58
C GLY A 198 10.71 -13.58 8.03
N SER A 199 9.89 -12.71 8.58
CA SER A 199 10.02 -12.26 9.97
C SER A 199 10.16 -13.43 10.94
N LEU A 200 10.92 -13.20 12.01
CA LEU A 200 11.16 -14.24 13.01
C LEU A 200 10.39 -14.03 14.33
N VAL A 201 9.75 -12.88 14.49
CA VAL A 201 8.98 -12.57 15.68
C VAL A 201 8.06 -13.72 16.08
N ASP A 202 7.18 -14.12 15.19
CA ASP A 202 6.25 -15.20 15.48
C ASP A 202 6.83 -16.61 15.49
N VAL A 203 7.54 -16.99 14.44
CA VAL A 203 8.08 -18.35 14.34
C VAL A 203 9.21 -18.74 15.28
N MET A 204 9.82 -17.75 15.94
CA MET A 204 10.91 -17.99 16.87
C MET A 204 10.70 -17.22 18.17
N PRO A 205 9.60 -17.51 18.85
CA PRO A 205 9.24 -16.88 20.12
C PRO A 205 10.32 -16.84 21.17
N TRP A 206 11.21 -17.82 21.19
CA TRP A 206 12.24 -17.81 22.21
C TRP A 206 13.05 -16.54 22.10
N LEU A 207 12.95 -15.86 20.97
CA LEU A 207 13.73 -14.65 20.78
C LEU A 207 13.24 -13.52 21.64
N GLN A 208 12.08 -13.71 22.24
CA GLN A 208 11.51 -12.71 23.12
C GLN A 208 12.12 -12.81 24.50
N TYR A 209 12.79 -13.95 24.77
CA TYR A 209 13.42 -14.22 26.06
C TYR A 209 14.63 -13.38 26.43
N PHE A 210 15.20 -12.67 25.47
CA PHE A 210 16.36 -11.85 25.77
C PHE A 210 16.53 -10.75 24.71
N PRO A 211 17.37 -9.75 25.00
CA PRO A 211 17.66 -8.62 24.11
C PRO A 211 18.16 -8.98 22.70
N ASN A 212 17.46 -8.50 21.67
CA ASN A 212 17.89 -8.72 20.30
C ASN A 212 16.98 -7.92 19.41
N PRO A 213 17.37 -7.68 18.15
CA PRO A 213 16.51 -6.90 17.27
C PRO A 213 15.06 -7.40 17.20
N VAL A 214 14.88 -8.71 17.24
CA VAL A 214 13.55 -9.31 17.15
C VAL A 214 12.72 -9.04 18.39
N ARG A 215 13.38 -8.96 19.54
CA ARG A 215 12.71 -8.67 20.80
C ARG A 215 12.33 -7.20 20.73
N THR A 216 13.27 -6.42 20.23
CA THR A 216 13.10 -4.99 20.09
C THR A 216 11.93 -4.60 19.18
N VAL A 217 11.90 -5.12 17.97
CA VAL A 217 10.86 -4.79 16.98
C VAL A 217 9.47 -5.13 17.45
N PHE A 218 9.30 -6.32 18.02
CA PHE A 218 7.98 -6.74 18.48
C PHE A 218 7.44 -5.84 19.62
N ARG A 219 8.31 -5.47 20.56
CA ARG A 219 7.88 -4.60 21.65
C ARG A 219 7.50 -3.23 21.09
N GLU A 220 8.24 -2.74 20.10
CA GLU A 220 7.91 -1.46 19.48
C GLU A 220 6.59 -1.65 18.73
N PHE A 221 6.44 -2.82 18.11
CA PHE A 221 5.29 -3.20 17.35
C PHE A 221 4.05 -3.11 18.20
N GLU A 222 4.07 -3.72 19.37
CA GLU A 222 2.92 -3.63 20.27
C GLU A 222 2.66 -2.15 20.63
N GLN A 223 3.74 -1.42 20.87
CA GLN A 223 3.68 -0.02 21.21
C GLN A 223 2.96 0.79 20.14
N LEU A 224 3.34 0.60 18.88
CA LEU A 224 2.74 1.37 17.79
C LEU A 224 1.27 1.01 17.50
N ASN A 225 0.93 -0.27 17.56
CA ASN A 225 -0.45 -0.69 17.34
C ASN A 225 -1.31 -0.16 18.49
N ARG A 226 -0.70 -0.11 19.66
CA ARG A 226 -1.41 0.38 20.83
C ARG A 226 -1.70 1.88 20.62
N ASN A 227 -0.78 2.60 20.00
CA ASN A 227 -0.98 4.05 19.76
C ASN A 227 -1.97 4.32 18.66
N PHE A 228 -1.95 3.49 17.62
CA PHE A 228 -2.86 3.64 16.49
C PHE A 228 -4.29 3.43 16.89
N SER A 229 -4.52 2.40 17.69
CA SER A 229 -5.86 2.06 18.14
C SER A 229 -6.43 3.16 19.01
N ASN A 230 -5.60 3.72 19.90
CA ASN A 230 -6.07 4.79 20.78
C ASN A 230 -6.39 6.04 19.97
N PHE A 231 -5.56 6.29 18.96
CA PHE A 231 -5.71 7.41 18.05
C PHE A 231 -7.06 7.37 17.33
N ILE A 232 -7.43 6.18 16.88
CA ILE A 232 -8.68 5.98 16.14
C ILE A 232 -9.86 5.79 17.09
N LEU A 233 -9.57 5.27 18.28
CA LEU A 233 -10.60 5.08 19.29
C LEU A 233 -11.11 6.45 19.70
N ASP A 234 -10.16 7.36 19.99
CA ASP A 234 -10.52 8.69 20.39
C ASP A 234 -11.40 9.34 19.35
N LYS A 235 -10.98 9.27 18.10
CA LYS A 235 -11.77 9.85 17.05
C LYS A 235 -13.11 9.13 16.95
N PHE A 236 -13.10 7.82 17.13
CA PHE A 236 -14.33 7.03 17.04
C PHE A 236 -15.40 7.50 18.04
N LEU A 237 -15.00 7.61 19.30
CA LEU A 237 -15.91 8.03 20.34
C LEU A 237 -16.52 9.41 20.08
N ARG A 238 -15.74 10.28 19.44
CA ARG A 238 -16.24 11.60 19.14
C ARG A 238 -17.21 11.63 17.97
N HIS A 239 -16.92 10.89 16.91
CA HIS A 239 -17.84 10.86 15.80
C HIS A 239 -19.16 10.25 16.25
N CYS A 240 -19.04 9.23 17.11
CA CYS A 240 -20.23 8.57 17.63
C CYS A 240 -21.08 9.56 18.42
N GLU A 241 -20.43 10.34 19.29
CA GLU A 241 -21.08 11.35 20.13
C GLU A 241 -21.77 12.46 19.36
N SER A 242 -21.14 12.91 18.28
CA SER A 242 -21.67 14.01 17.47
C SER A 242 -22.69 13.57 16.42
N LEU A 243 -22.70 12.29 16.08
CA LEU A 243 -23.62 11.79 15.08
C LEU A 243 -24.98 11.54 15.73
N ARG A 244 -25.79 12.60 15.81
CA ARG A 244 -27.13 12.52 16.37
C ARG A 244 -28.08 12.03 15.28
N PRO A 245 -29.31 11.71 15.69
CA PRO A 245 -30.37 11.24 14.79
C PRO A 245 -30.29 11.77 13.35
N GLY A 246 -30.77 12.99 13.11
CA GLY A 246 -30.78 13.50 11.76
C GLY A 246 -29.47 13.96 11.16
N ALA A 247 -28.38 13.75 11.88
CA ALA A 247 -27.05 14.20 11.44
C ALA A 247 -26.56 13.61 10.14
N ALA A 248 -25.90 14.45 9.37
CA ALA A 248 -25.40 14.04 8.09
C ALA A 248 -23.96 13.62 8.27
N PRO A 249 -23.61 12.38 7.85
CA PRO A 249 -22.23 11.90 7.96
C PRO A 249 -21.33 12.68 7.02
N ARG A 250 -20.13 12.99 7.49
CA ARG A 250 -19.19 13.74 6.65
C ARG A 250 -17.83 13.06 6.66
N ASP A 251 -17.85 11.74 6.87
CA ASP A 251 -16.65 10.93 6.94
C ASP A 251 -16.92 9.51 6.50
N MET A 252 -15.88 8.69 6.68
CA MET A 252 -15.94 7.26 6.47
C MET A 252 -16.19 6.73 7.87
N MET A 253 -15.73 7.50 8.87
CA MET A 253 -15.97 7.15 10.27
C MET A 253 -17.48 7.30 10.44
N ASP A 254 -17.99 8.51 10.20
CA ASP A 254 -19.42 8.76 10.29
C ASP A 254 -20.24 7.74 9.47
N ALA A 255 -19.75 7.39 8.28
CA ALA A 255 -20.42 6.45 7.38
C ALA A 255 -20.55 5.03 7.93
N PHE A 256 -19.48 4.55 8.57
CA PHE A 256 -19.45 3.22 9.17
C PHE A 256 -20.34 3.16 10.42
N ILE A 257 -20.28 4.21 11.23
CA ILE A 257 -21.05 4.32 12.47
C ILE A 257 -22.53 4.31 12.16
N LEU A 258 -22.95 5.15 11.21
CA LEU A 258 -24.36 5.22 10.79
C LEU A 258 -24.87 3.84 10.40
N SER A 259 -24.12 3.21 9.50
CA SER A 259 -24.40 1.89 8.99
C SER A 259 -24.60 0.90 10.10
N ALA A 260 -23.70 0.95 11.09
CA ALA A 260 -23.75 0.04 12.23
C ALA A 260 -24.95 0.29 13.14
N GLU A 261 -25.34 1.56 13.25
CA GLU A 261 -26.47 1.89 14.09
C GLU A 261 -27.72 1.49 13.33
N LYS A 262 -27.72 1.70 12.01
CA LYS A 262 -28.87 1.29 11.19
C LYS A 262 -28.98 -0.24 11.20
N LYS A 263 -27.86 -0.93 11.42
CA LYS A 263 -27.87 -2.37 11.47
C LYS A 263 -28.45 -2.85 12.80
N ALA A 264 -27.97 -2.28 13.89
CA ALA A 264 -28.43 -2.64 15.22
C ALA A 264 -29.88 -2.23 15.39
N ALA A 265 -30.26 -1.14 14.72
CA ALA A 265 -31.60 -0.58 14.79
C ALA A 265 -32.55 -1.24 13.83
N GLY A 266 -32.86 -2.50 14.07
CA GLY A 266 -33.78 -3.19 13.19
C GLY A 266 -33.14 -3.46 11.86
N ASP A 267 -33.81 -3.10 10.78
CA ASP A 267 -33.28 -3.36 9.46
C ASP A 267 -33.21 -2.10 8.59
N GLY A 272 -27.70 -5.01 3.79
CA GLY A 272 -26.87 -6.17 3.47
C GLY A 272 -25.79 -6.41 4.51
N ALA A 273 -24.53 -6.49 4.05
CA ALA A 273 -23.42 -6.71 4.97
C ALA A 273 -22.98 -5.35 5.50
N ARG A 274 -23.14 -5.17 6.81
CA ARG A 274 -22.77 -3.93 7.48
C ARG A 274 -22.00 -4.34 8.73
N LEU A 275 -21.12 -3.49 9.20
CA LEU A 275 -20.36 -3.80 10.38
C LEU A 275 -21.15 -3.63 11.67
N ASP A 276 -20.61 -4.21 12.74
CA ASP A 276 -21.19 -4.09 14.06
C ASP A 276 -20.36 -2.97 14.69
N LEU A 277 -20.99 -2.15 15.52
CA LEU A 277 -20.27 -1.06 16.16
C LEU A 277 -18.97 -1.48 16.79
N GLU A 278 -18.93 -2.65 17.42
CA GLU A 278 -17.70 -3.11 18.08
C GLU A 278 -16.53 -3.36 17.12
N ASN A 279 -16.81 -3.52 15.83
CA ASN A 279 -15.78 -3.77 14.84
C ASN A 279 -15.43 -2.56 14.00
N VAL A 280 -16.20 -1.49 14.11
CA VAL A 280 -15.91 -0.30 13.30
C VAL A 280 -14.52 0.31 13.60
N PRO A 281 -14.16 0.52 14.88
CA PRO A 281 -12.83 1.11 15.10
C PRO A 281 -11.71 0.23 14.51
N ALA A 282 -11.80 -1.08 14.73
CA ALA A 282 -10.78 -1.98 14.21
C ALA A 282 -10.68 -1.94 12.71
N THR A 283 -11.81 -1.90 11.99
CA THR A 283 -11.67 -1.90 10.55
C THR A 283 -11.25 -0.56 9.94
N ILE A 284 -11.55 0.56 10.60
CA ILE A 284 -11.11 1.84 10.06
C ILE A 284 -9.60 1.92 10.33
N THR A 285 -9.11 1.13 11.30
CA THR A 285 -7.68 1.13 11.64
C THR A 285 -6.90 0.44 10.53
N ASP A 286 -7.41 -0.72 10.08
CA ASP A 286 -6.76 -1.45 8.99
C ASP A 286 -6.78 -0.55 7.76
N ILE A 287 -7.94 0.05 7.49
CA ILE A 287 -8.07 0.90 6.34
C ILE A 287 -7.10 2.06 6.38
N PHE A 288 -7.09 2.80 7.47
CA PHE A 288 -6.20 3.95 7.58
C PHE A 288 -4.75 3.57 7.66
N GLY A 289 -4.47 2.44 8.32
CA GLY A 289 -3.11 1.98 8.48
C GLY A 289 -2.46 1.49 7.22
N ALA A 290 -3.16 0.67 6.45
CA ALA A 290 -2.62 0.14 5.21
C ALA A 290 -2.34 1.27 4.23
N SER A 291 -3.39 1.95 3.79
CA SER A 291 -3.22 3.02 2.85
C SER A 291 -2.04 3.94 3.17
N GLN A 292 -2.00 4.48 4.37
CA GLN A 292 -0.96 5.40 4.81
C GLN A 292 0.46 4.84 4.71
N ASP A 293 0.58 3.53 4.84
CA ASP A 293 1.86 2.87 4.77
C ASP A 293 2.17 2.60 3.30
N THR A 294 1.35 1.77 2.65
CA THR A 294 1.54 1.42 1.25
C THR A 294 1.60 2.60 0.28
N LEU A 295 0.62 3.51 0.35
CA LEU A 295 0.62 4.64 -0.55
C LEU A 295 1.85 5.51 -0.31
N SER A 296 2.33 5.49 0.92
CA SER A 296 3.51 6.25 1.30
C SER A 296 4.74 5.63 0.66
N THR A 297 4.87 4.32 0.86
CA THR A 297 5.99 3.59 0.29
C THR A 297 6.02 3.73 -1.23
N ALA A 298 4.86 3.54 -1.87
CA ALA A 298 4.72 3.61 -3.32
C ALA A 298 5.22 4.94 -3.85
N LEU A 299 4.72 6.00 -3.24
CA LEU A 299 5.05 7.37 -3.58
C LEU A 299 6.56 7.61 -3.47
N GLN A 300 7.16 7.12 -2.40
CA GLN A 300 8.59 7.29 -2.22
C GLN A 300 9.36 6.65 -3.36
N TRP A 301 8.83 5.56 -3.92
CA TRP A 301 9.52 4.90 -5.05
C TRP A 301 9.43 5.72 -6.33
N LEU A 302 8.24 6.29 -6.55
CA LEU A 302 8.03 7.09 -7.73
C LEU A 302 9.08 8.17 -7.84
N LEU A 303 9.27 8.93 -6.78
CA LEU A 303 10.27 10.00 -6.80
C LEU A 303 11.66 9.39 -6.90
N LEU A 304 11.84 8.27 -6.20
CA LEU A 304 13.11 7.57 -6.25
C LEU A 304 13.41 7.22 -7.72
N LEU A 305 12.47 6.55 -8.40
CA LEU A 305 12.62 6.17 -9.80
C LEU A 305 12.80 7.45 -10.67
N PHE A 306 12.03 8.49 -10.37
CA PHE A 306 12.17 9.72 -11.14
C PHE A 306 13.63 10.23 -11.08
N THR A 307 14.26 10.21 -9.91
CA THR A 307 15.64 10.70 -9.81
C THR A 307 16.70 9.72 -10.34
N ARG A 308 16.39 8.43 -10.36
CA ARG A 308 17.37 7.48 -10.88
C ARG A 308 17.15 7.23 -12.38
N TYR A 309 16.04 7.72 -12.93
CA TYR A 309 15.76 7.55 -14.36
C TYR A 309 15.24 8.88 -14.92
N PRO A 310 16.14 9.87 -15.02
CA PRO A 310 15.85 11.22 -15.51
C PRO A 310 15.13 11.22 -16.85
N ASP A 311 15.42 10.24 -17.69
CA ASP A 311 14.78 10.21 -18.98
C ASP A 311 13.33 9.83 -18.86
N VAL A 312 13.03 8.82 -18.05
CA VAL A 312 11.63 8.47 -17.90
C VAL A 312 10.98 9.70 -17.27
N GLN A 313 11.62 10.32 -16.28
CA GLN A 313 11.06 11.50 -15.67
C GLN A 313 10.67 12.56 -16.72
N THR A 314 11.54 12.78 -17.71
CA THR A 314 11.28 13.76 -18.77
C THR A 314 10.16 13.36 -19.74
N ARG A 315 10.10 12.09 -20.09
CA ARG A 315 9.07 11.64 -20.99
C ARG A 315 7.70 11.83 -20.37
N VAL A 316 7.46 11.27 -19.18
CA VAL A 316 6.16 11.43 -18.53
C VAL A 316 5.89 12.91 -18.31
N GLN A 317 6.96 13.65 -18.01
CA GLN A 317 6.86 15.07 -17.76
C GLN A 317 6.58 15.79 -19.08
N ALA A 318 6.91 15.14 -20.19
CA ALA A 318 6.67 15.71 -21.52
C ALA A 318 5.24 15.45 -21.95
N GLU A 319 4.81 14.19 -21.84
CA GLU A 319 3.47 13.79 -22.22
C GLU A 319 2.45 14.60 -21.45
N LEU A 320 2.81 14.95 -20.22
CA LEU A 320 1.93 15.73 -19.36
C LEU A 320 1.77 17.15 -19.94
N ASP A 321 2.85 17.68 -20.50
CA ASP A 321 2.83 19.01 -21.06
C ASP A 321 2.06 19.02 -22.35
N GLN A 322 2.20 17.94 -23.12
CA GLN A 322 1.51 17.84 -24.40
C GLN A 322 0.03 17.63 -24.24
N VAL A 323 -0.38 16.78 -23.31
CA VAL A 323 -1.79 16.51 -23.11
C VAL A 323 -2.52 17.51 -22.22
N VAL A 324 -2.05 17.73 -21.00
CA VAL A 324 -2.78 18.67 -20.13
C VAL A 324 -2.37 20.12 -20.39
N GLY A 325 -1.25 20.31 -21.05
CA GLY A 325 -0.81 21.66 -21.31
C GLY A 325 -0.28 22.33 -20.07
N ARG A 326 0.63 23.27 -20.28
CA ARG A 326 1.24 24.03 -19.20
C ARG A 326 0.20 25.01 -18.66
N ASP A 327 -0.98 25.00 -19.29
CA ASP A 327 -2.08 25.91 -18.95
C ASP A 327 -2.86 25.69 -17.66
N ARG A 328 -2.89 24.45 -17.18
CA ARG A 328 -3.60 24.08 -15.95
C ARG A 328 -2.85 22.88 -15.38
N LEU A 329 -3.33 22.35 -14.25
CA LEU A 329 -2.69 21.19 -13.65
C LEU A 329 -3.58 19.95 -13.88
N PRO A 330 -2.94 18.78 -14.12
CA PRO A 330 -3.60 17.49 -14.37
C PRO A 330 -4.73 17.13 -13.43
N CYS A 331 -5.71 16.42 -13.97
CA CYS A 331 -6.83 15.97 -13.19
C CYS A 331 -7.19 14.56 -13.71
N MET A 332 -7.96 13.82 -12.93
CA MET A 332 -8.32 12.47 -13.32
C MET A 332 -8.99 12.35 -14.69
N GLY A 333 -9.46 13.46 -15.22
CA GLY A 333 -10.08 13.41 -16.54
C GLY A 333 -9.04 13.07 -17.59
N ASP A 334 -7.81 13.52 -17.37
CA ASP A 334 -6.72 13.29 -18.32
C ASP A 334 -6.12 11.88 -18.35
N GLN A 335 -6.45 11.05 -17.37
CA GLN A 335 -5.88 9.71 -17.29
C GLN A 335 -5.87 8.86 -18.57
N PRO A 336 -6.97 8.84 -19.34
CA PRO A 336 -6.92 8.02 -20.57
C PRO A 336 -6.05 8.59 -21.70
N ASN A 337 -5.71 9.88 -21.62
CA ASN A 337 -4.86 10.52 -22.64
C ASN A 337 -3.43 10.59 -22.09
N LEU A 338 -3.09 9.72 -21.13
CA LEU A 338 -1.76 9.73 -20.54
C LEU A 338 -1.16 8.33 -20.44
N PRO A 339 -1.10 7.62 -21.58
CA PRO A 339 -0.57 6.26 -21.68
C PRO A 339 0.80 6.06 -21.03
N TYR A 340 1.70 7.03 -21.18
CA TYR A 340 3.04 6.91 -20.60
C TYR A 340 3.04 7.02 -19.09
N VAL A 341 2.25 7.94 -18.56
CA VAL A 341 2.12 8.12 -17.13
C VAL A 341 1.58 6.82 -16.52
N LEU A 342 0.54 6.27 -17.14
CA LEU A 342 0.01 5.02 -16.63
C LEU A 342 1.06 3.92 -16.77
N ALA A 343 1.83 3.96 -17.85
CA ALA A 343 2.87 2.97 -18.08
C ALA A 343 3.97 3.06 -17.02
N PHE A 344 4.39 4.29 -16.70
CA PHE A 344 5.42 4.50 -15.68
C PHE A 344 4.86 3.95 -14.36
N LEU A 345 3.57 4.14 -14.19
CA LEU A 345 2.86 3.69 -13.00
C LEU A 345 2.99 2.18 -12.82
N TYR A 346 2.64 1.40 -13.83
CA TYR A 346 2.71 -0.06 -13.73
C TYR A 346 4.13 -0.61 -13.81
N GLU A 347 5.03 0.16 -14.41
CA GLU A 347 6.42 -0.31 -14.52
C GLU A 347 7.03 -0.19 -13.15
N ALA A 348 6.80 0.93 -12.46
CA ALA A 348 7.34 1.14 -11.11
C ALA A 348 6.74 0.07 -10.21
N MET A 349 5.53 -0.33 -10.52
CA MET A 349 4.83 -1.35 -9.75
C MET A 349 5.46 -2.73 -9.93
N ARG A 350 5.70 -3.11 -11.18
CA ARG A 350 6.30 -4.42 -11.46
C ARG A 350 7.75 -4.44 -11.04
N PHE A 351 8.50 -3.43 -11.49
CA PHE A 351 9.91 -3.32 -11.19
C PHE A 351 10.25 -3.24 -9.71
N SER A 352 9.52 -2.41 -8.97
CA SER A 352 9.77 -2.23 -7.55
C SER A 352 9.19 -3.35 -6.69
N SER A 353 8.00 -3.84 -7.06
CA SER A 353 7.34 -4.89 -6.29
C SER A 353 7.47 -4.56 -4.80
N PHE A 354 7.25 -3.28 -4.45
CA PHE A 354 7.39 -2.83 -3.07
C PHE A 354 6.62 -3.64 -2.03
N VAL A 355 5.68 -4.48 -2.47
CA VAL A 355 4.99 -5.41 -1.57
C VAL A 355 5.35 -6.76 -2.19
N PRO A 356 6.62 -7.19 -2.02
CA PRO A 356 7.20 -8.43 -2.54
C PRO A 356 6.46 -9.71 -2.21
N VAL A 357 5.98 -9.84 -0.99
CA VAL A 357 5.23 -11.02 -0.58
C VAL A 357 4.04 -10.54 0.22
N THR A 358 2.85 -11.06 -0.09
CA THR A 358 1.63 -10.66 0.60
C THR A 358 1.65 -11.04 2.08
N ILE A 359 0.61 -10.60 2.81
CA ILE A 359 0.51 -10.90 4.24
C ILE A 359 0.42 -12.42 4.20
N PRO A 360 1.26 -13.12 4.99
CA PRO A 360 1.25 -14.59 5.00
C PRO A 360 -0.15 -15.15 4.99
N HIS A 361 -0.35 -16.22 4.21
CA HIS A 361 -1.65 -16.88 4.16
C HIS A 361 -1.62 -18.17 4.97
N ALA A 362 -2.74 -18.88 4.95
CA ALA A 362 -2.87 -20.15 5.67
C ALA A 362 -3.95 -20.97 4.96
N THR A 363 -3.74 -22.27 4.81
CA THR A 363 -4.75 -23.07 4.13
C THR A 363 -5.84 -23.45 5.11
N THR A 364 -7.07 -23.57 4.60
CA THR A 364 -8.22 -23.92 5.43
C THR A 364 -8.58 -25.39 5.35
N ALA A 365 -7.95 -26.09 4.41
CA ALA A 365 -8.23 -27.50 4.20
C ALA A 365 -7.10 -28.12 3.38
N ASN A 366 -6.83 -29.41 3.60
CA ASN A 366 -5.80 -30.09 2.82
C ASN A 366 -6.13 -29.80 1.37
N THR A 367 -5.12 -29.42 0.60
CA THR A 367 -5.32 -29.09 -0.80
C THR A 367 -4.01 -29.31 -1.50
N SER A 368 -3.99 -29.17 -2.82
CA SER A 368 -2.75 -29.35 -3.56
C SER A 368 -2.62 -28.31 -4.65
N VAL A 369 -1.39 -27.88 -4.91
CA VAL A 369 -1.16 -26.90 -5.96
C VAL A 369 -0.03 -27.42 -6.86
N LEU A 370 -0.27 -27.36 -8.18
CA LEU A 370 0.68 -27.84 -9.19
C LEU A 370 1.10 -29.28 -8.88
N GLY A 371 0.14 -30.06 -8.36
CA GLY A 371 0.41 -31.45 -8.04
C GLY A 371 0.68 -31.71 -6.57
N TYR A 372 1.50 -30.86 -5.96
CA TYR A 372 1.91 -30.96 -4.55
C TYR A 372 0.85 -30.88 -3.48
N HIS A 373 0.86 -31.86 -2.57
CA HIS A 373 -0.09 -31.92 -1.45
C HIS A 373 0.25 -30.85 -0.41
N ILE A 374 -0.78 -30.10 0.02
CA ILE A 374 -0.65 -29.04 1.01
C ILE A 374 -1.68 -29.24 2.12
N PRO A 375 -1.26 -29.83 3.24
CA PRO A 375 -2.12 -30.10 4.40
C PRO A 375 -2.75 -28.90 5.11
N LYS A 376 -4.03 -29.06 5.46
CA LYS A 376 -4.77 -28.06 6.18
C LYS A 376 -3.97 -27.37 7.30
N ASP A 377 -4.24 -26.08 7.49
CA ASP A 377 -3.63 -25.28 8.53
C ASP A 377 -2.14 -25.04 8.36
N THR A 378 -1.68 -24.99 7.11
CA THR A 378 -0.26 -24.74 6.84
C THR A 378 -0.09 -23.31 6.32
N VAL A 379 0.93 -22.64 6.84
CA VAL A 379 1.27 -21.27 6.49
C VAL A 379 1.80 -21.22 5.06
N VAL A 380 1.32 -20.25 4.29
CA VAL A 380 1.70 -20.09 2.88
C VAL A 380 2.13 -18.67 2.52
N PHE A 381 3.20 -18.56 1.72
CA PHE A 381 3.71 -17.27 1.26
C PHE A 381 3.48 -17.18 -0.23
N VAL A 382 2.91 -16.06 -0.66
CA VAL A 382 2.66 -15.79 -2.06
C VAL A 382 3.78 -14.83 -2.46
N ASN A 383 4.60 -15.25 -3.42
CA ASN A 383 5.70 -14.43 -3.89
C ASN A 383 5.24 -13.61 -5.08
N GLN A 384 4.83 -12.37 -4.88
CA GLN A 384 4.41 -11.57 -6.02
C GLN A 384 5.65 -11.13 -6.82
N TRP A 385 6.70 -10.76 -6.12
CA TRP A 385 7.94 -10.34 -6.76
C TRP A 385 8.38 -11.37 -7.78
N SER A 386 8.07 -12.64 -7.53
CA SER A 386 8.47 -13.68 -8.46
C SER A 386 7.63 -13.72 -9.74
N VAL A 387 6.51 -13.04 -9.72
CA VAL A 387 5.67 -12.99 -10.89
C VAL A 387 6.03 -11.75 -11.70
N ASN A 388 6.48 -10.69 -11.01
CA ASN A 388 6.85 -9.44 -11.68
C ASN A 388 8.25 -9.47 -12.23
N HIS A 389 9.04 -10.42 -11.76
CA HIS A 389 10.43 -10.54 -12.21
C HIS A 389 10.74 -11.80 -12.98
N ASP A 390 9.68 -12.51 -13.39
CA ASP A 390 9.80 -13.74 -14.18
C ASP A 390 10.41 -13.33 -15.52
N PRO A 391 11.58 -13.91 -15.88
CA PRO A 391 12.22 -13.56 -17.15
C PRO A 391 11.30 -13.68 -18.36
N LEU A 392 10.68 -14.84 -18.54
CA LEU A 392 9.78 -15.09 -19.68
C LEU A 392 8.62 -14.11 -19.81
N LYS A 393 7.98 -13.73 -18.70
CA LYS A 393 6.87 -12.81 -18.80
C LYS A 393 7.38 -11.38 -18.90
N TRP A 394 8.54 -11.12 -18.33
CA TRP A 394 9.10 -9.77 -18.36
C TRP A 394 10.57 -9.81 -18.76
N PRO A 395 10.83 -9.73 -20.10
CA PRO A 395 12.15 -9.74 -20.73
C PRO A 395 13.26 -8.83 -20.17
N ASN A 396 12.91 -7.59 -19.88
CA ASN A 396 13.79 -6.68 -19.15
C ASN A 396 13.46 -6.83 -17.67
N PRO A 397 13.78 -7.99 -17.11
CA PRO A 397 13.46 -8.29 -15.70
C PRO A 397 14.08 -7.33 -14.70
N GLU A 398 15.36 -7.01 -14.89
CA GLU A 398 16.07 -6.13 -13.97
C GLU A 398 16.15 -4.69 -14.46
N ASN A 399 15.51 -4.41 -15.58
CA ASN A 399 15.55 -3.06 -16.16
C ASN A 399 14.20 -2.35 -16.15
N PHE A 400 14.22 -1.11 -15.65
CA PHE A 400 13.03 -0.28 -15.55
C PHE A 400 12.58 0.27 -16.93
N ASP A 401 11.66 -0.44 -17.59
CA ASP A 401 11.22 -0.03 -18.92
C ASP A 401 9.72 0.31 -19.00
N PRO A 402 9.34 1.56 -18.73
CA PRO A 402 7.91 1.85 -18.83
C PRO A 402 7.29 1.53 -20.18
N ALA A 403 8.10 1.61 -21.25
CA ALA A 403 7.59 1.36 -22.59
C ALA A 403 7.14 -0.10 -22.67
N ARG A 404 7.55 -0.88 -21.68
CA ARG A 404 7.21 -2.26 -21.60
C ARG A 404 5.69 -2.47 -21.62
N PHE A 405 4.93 -1.41 -21.30
CA PHE A 405 3.46 -1.47 -21.25
C PHE A 405 2.78 -0.68 -22.36
N LEU A 406 3.58 -0.04 -23.20
CA LEU A 406 3.06 0.75 -24.28
C LEU A 406 2.80 -0.06 -25.53
N ASP A 407 1.58 0.12 -26.05
CA ASP A 407 1.06 -0.53 -27.23
C ASP A 407 1.78 0.03 -28.46
N LYS A 408 1.83 -0.75 -29.53
CA LYS A 408 2.50 -0.32 -30.76
C LYS A 408 2.20 1.11 -31.21
N ASP A 409 1.01 1.63 -30.89
CA ASP A 409 0.68 2.99 -31.29
C ASP A 409 0.66 3.96 -30.13
N GLY A 410 1.41 3.64 -29.07
CA GLY A 410 1.50 4.53 -27.91
C GLY A 410 0.50 4.47 -26.77
N LEU A 411 -0.48 3.58 -26.84
CA LEU A 411 -1.49 3.47 -25.79
C LEU A 411 -1.19 2.26 -24.89
N ILE A 412 -1.81 2.18 -23.71
CA ILE A 412 -1.53 1.03 -22.84
C ILE A 412 -2.45 -0.12 -23.18
N ASN A 413 -1.96 -1.34 -22.95
CA ASN A 413 -2.75 -2.53 -23.22
C ASN A 413 -3.01 -3.29 -21.93
N LYS A 414 -4.20 -3.12 -21.38
CA LYS A 414 -4.59 -3.78 -20.14
C LYS A 414 -4.00 -5.19 -20.03
N ASP A 415 -3.93 -5.89 -21.16
CA ASP A 415 -3.40 -7.26 -21.16
C ASP A 415 -2.03 -7.44 -20.52
N LEU A 416 -1.25 -6.37 -20.42
CA LEU A 416 0.06 -6.44 -19.80
C LEU A 416 -0.04 -5.67 -18.49
N THR A 417 -0.68 -4.50 -18.56
CA THR A 417 -0.86 -3.67 -17.40
C THR A 417 -1.57 -4.45 -16.31
N SER A 418 -2.36 -5.44 -16.70
CA SER A 418 -3.10 -6.24 -15.74
C SER A 418 -2.41 -7.56 -15.53
N ARG A 419 -1.15 -7.66 -15.91
CA ARG A 419 -0.42 -8.91 -15.72
C ARG A 419 0.50 -8.74 -14.51
N VAL A 420 0.58 -7.49 -14.04
CA VAL A 420 1.39 -7.14 -12.90
C VAL A 420 0.68 -7.52 -11.59
N MET A 421 1.41 -8.12 -10.66
CA MET A 421 0.81 -8.54 -9.41
C MET A 421 1.39 -7.82 -8.19
N ILE A 422 0.62 -6.92 -7.60
CA ILE A 422 1.07 -6.21 -6.41
C ILE A 422 -0.06 -6.14 -5.36
N PHE A 423 -1.32 -6.22 -5.81
CA PHE A 423 -2.48 -6.18 -4.93
C PHE A 423 -2.98 -7.55 -4.60
N SER A 424 -2.20 -8.56 -4.96
CA SER A 424 -2.56 -9.94 -4.71
C SER A 424 -3.78 -10.31 -5.53
N VAL A 425 -4.35 -11.47 -5.23
CA VAL A 425 -5.53 -11.96 -5.94
C VAL A 425 -6.27 -12.91 -5.00
N GLY A 426 -7.57 -13.06 -5.18
CA GLY A 426 -8.30 -13.99 -4.34
C GLY A 426 -9.10 -13.36 -3.24
N LYS A 427 -9.53 -14.18 -2.27
CA LYS A 427 -10.36 -13.69 -1.15
C LYS A 427 -9.70 -12.56 -0.37
N ARG A 428 -8.38 -12.66 -0.20
CA ARG A 428 -7.63 -11.68 0.57
C ARG A 428 -6.99 -10.56 -0.23
N ARG A 429 -7.42 -10.35 -1.47
CA ARG A 429 -6.83 -9.31 -2.30
C ARG A 429 -7.19 -7.91 -1.80
N CYS A 430 -6.25 -6.98 -1.95
CA CYS A 430 -6.43 -5.61 -1.46
C CYS A 430 -7.83 -5.07 -1.75
N ILE A 431 -8.39 -4.35 -0.77
CA ILE A 431 -9.72 -3.75 -0.94
C ILE A 431 -9.65 -2.28 -1.37
N GLY A 432 -8.45 -1.72 -1.38
CA GLY A 432 -8.35 -0.33 -1.78
C GLY A 432 -7.48 -0.15 -3.00
N GLU A 433 -7.65 -1.02 -3.99
CA GLU A 433 -6.85 -0.96 -5.19
C GLU A 433 -7.12 0.24 -6.11
N GLU A 434 -8.38 0.44 -6.48
CA GLU A 434 -8.69 1.58 -7.32
C GLU A 434 -8.35 2.91 -6.65
N LEU A 435 -8.57 3.00 -5.34
CA LEU A 435 -8.26 4.20 -4.61
C LEU A 435 -6.77 4.45 -4.68
N SER A 436 -5.99 3.39 -4.50
CA SER A 436 -4.53 3.47 -4.56
C SER A 436 -4.09 4.00 -5.89
N LYS A 437 -4.70 3.49 -6.96
CA LYS A 437 -4.37 3.90 -8.32
C LYS A 437 -4.78 5.30 -8.71
N MET A 438 -6.05 5.65 -8.46
CA MET A 438 -6.55 6.97 -8.79
C MET A 438 -5.97 8.02 -7.85
N GLN A 439 -4.93 7.65 -7.12
CA GLN A 439 -4.28 8.56 -6.19
C GLN A 439 -2.79 8.69 -6.49
N LEU A 440 -2.17 7.59 -6.90
CA LEU A 440 -0.75 7.60 -7.21
C LEU A 440 -0.61 8.22 -8.60
N PHE A 441 -1.70 8.18 -9.35
CA PHE A 441 -1.72 8.78 -10.66
C PHE A 441 -1.72 10.27 -10.44
N LEU A 442 -2.63 10.74 -9.60
CA LEU A 442 -2.73 12.15 -9.27
C LEU A 442 -1.51 12.75 -8.60
N PHE A 443 -1.05 12.16 -7.50
CA PHE A 443 0.12 12.73 -6.84
C PHE A 443 1.27 12.92 -7.82
N ILE A 444 1.47 11.92 -8.65
CA ILE A 444 2.57 11.99 -9.55
C ILE A 444 2.31 12.95 -10.70
N SER A 445 1.07 12.97 -11.19
CA SER A 445 0.73 13.86 -12.30
C SER A 445 0.94 15.31 -11.94
N ILE A 446 0.60 15.70 -10.71
CA ILE A 446 0.76 17.08 -10.25
C ILE A 446 2.22 17.38 -10.06
N LEU A 447 2.88 16.53 -9.28
CA LEU A 447 4.31 16.67 -8.96
C LEU A 447 5.22 16.72 -10.19
N ALA A 448 4.99 15.81 -11.14
CA ALA A 448 5.81 15.74 -12.33
C ALA A 448 5.50 16.92 -13.24
N HIS A 449 4.26 17.33 -13.25
CA HIS A 449 3.84 18.45 -14.06
C HIS A 449 4.32 19.80 -13.44
N GLN A 450 4.53 19.82 -12.12
CA GLN A 450 4.93 21.04 -11.43
C GLN A 450 6.39 21.13 -10.95
N CYS A 451 7.04 19.96 -10.84
CA CYS A 451 8.41 19.94 -10.34
C CYS A 451 9.42 19.18 -11.15
N ASP A 452 10.66 19.37 -10.74
CA ASP A 452 11.83 18.73 -11.32
C ASP A 452 12.55 18.06 -10.16
N PHE A 453 12.87 16.78 -10.30
CA PHE A 453 13.56 16.03 -9.25
C PHE A 453 14.96 15.56 -9.63
N ARG A 454 15.95 15.98 -8.86
CA ARG A 454 17.35 15.60 -9.11
C ARG A 454 17.94 14.82 -7.94
N ALA A 455 18.72 13.79 -8.26
CA ALA A 455 19.36 12.97 -7.23
C ALA A 455 20.63 13.66 -6.71
N ASN A 456 21.08 13.22 -5.55
CA ASN A 456 22.28 13.76 -4.92
C ASN A 456 23.45 13.08 -5.61
N PRO A 457 24.16 13.81 -6.46
CA PRO A 457 25.30 13.25 -7.18
C PRO A 457 26.44 12.78 -6.29
N ASN A 458 26.68 13.49 -5.19
CA ASN A 458 27.77 13.15 -4.27
C ASN A 458 27.60 11.85 -3.50
N GLU A 459 26.48 11.15 -3.73
CA GLU A 459 26.16 9.89 -3.05
C GLU A 459 26.63 8.64 -3.81
N PRO A 460 27.85 8.21 -3.55
CA PRO A 460 28.42 7.02 -4.20
C PRO A 460 27.62 5.74 -3.95
N ALA A 461 27.74 5.19 -2.74
CA ALA A 461 27.07 3.94 -2.40
C ALA A 461 25.60 4.12 -2.92
N LYS A 462 24.91 3.00 -3.14
CA LYS A 462 23.58 3.11 -3.63
C LYS A 462 22.43 3.06 -2.59
N MET A 463 21.21 3.23 -3.06
CA MET A 463 20.05 3.19 -2.18
C MET A 463 19.91 1.81 -1.53
N ASN A 464 19.78 1.80 -0.20
CA ASN A 464 19.56 0.57 0.55
C ASN A 464 18.09 0.59 1.00
N PHE A 465 17.49 -0.58 1.20
CA PHE A 465 16.08 -0.66 1.57
C PHE A 465 15.87 -1.41 2.87
N SER A 466 14.61 -1.39 3.32
CA SER A 466 14.17 -2.07 4.53
C SER A 466 13.11 -3.02 4.03
N TYR A 467 13.36 -4.31 4.17
CA TYR A 467 12.44 -5.33 3.70
C TYR A 467 11.44 -5.78 4.76
N GLY A 468 10.15 -5.84 4.42
CA GLY A 468 9.19 -6.28 5.40
C GLY A 468 7.77 -5.93 5.02
N LEU A 469 7.09 -6.84 4.32
CA LEU A 469 5.73 -6.57 3.84
C LEU A 469 5.99 -5.55 2.73
N THR A 470 6.21 -4.28 3.06
CA THR A 470 6.57 -3.31 2.01
C THR A 470 8.11 -3.15 1.95
N ILE A 471 8.62 -2.82 0.77
CA ILE A 471 10.05 -2.60 0.59
C ILE A 471 10.26 -1.08 0.65
N LYS A 472 10.55 -0.56 1.84
CA LYS A 472 10.75 0.88 2.01
C LYS A 472 12.16 1.34 1.76
N PRO A 473 12.32 2.44 1.02
CA PRO A 473 13.64 2.97 0.72
C PRO A 473 14.26 3.53 2.00
N LYS A 474 15.55 3.28 2.21
CA LYS A 474 16.24 3.83 3.39
C LYS A 474 16.55 5.26 3.00
N SER A 475 17.07 6.03 3.94
CA SER A 475 17.42 7.43 3.69
C SER A 475 17.99 7.68 2.30
N PHE A 476 17.56 8.77 1.68
CA PHE A 476 18.03 9.18 0.36
C PHE A 476 17.55 10.60 0.16
N LYS A 477 18.38 11.45 -0.44
CA LYS A 477 18.05 12.84 -0.62
C LYS A 477 17.84 13.31 -2.06
N VAL A 478 16.81 14.12 -2.26
CA VAL A 478 16.45 14.64 -3.57
C VAL A 478 16.51 16.15 -3.50
N ASN A 479 16.59 16.80 -4.66
CA ASN A 479 16.60 18.26 -4.76
C ASN A 479 15.46 18.66 -5.70
N VAL A 480 14.54 19.47 -5.20
CA VAL A 480 13.39 19.83 -6.01
C VAL A 480 13.21 21.32 -6.32
N THR A 481 12.95 21.60 -7.60
CA THR A 481 12.74 22.97 -8.05
C THR A 481 11.44 23.03 -8.83
N LEU A 482 10.83 24.20 -8.81
CA LEU A 482 9.57 24.48 -9.50
C LEU A 482 9.82 24.82 -10.98
N ARG A 483 9.06 24.18 -11.87
CA ARG A 483 9.18 24.47 -13.29
C ARG A 483 8.62 25.84 -13.57
N GLU A 484 7.58 26.22 -12.83
CA GLU A 484 6.95 27.53 -12.97
C GLU A 484 6.18 27.98 -11.73
N SER A 485 5.74 29.23 -11.77
CA SER A 485 4.98 29.86 -10.69
C SER A 485 3.81 28.99 -10.23
N MET A 486 3.58 29.03 -8.92
CA MET A 486 2.53 28.24 -8.29
C MET A 486 1.09 28.63 -8.67
N GLU A 487 0.45 27.76 -9.45
CA GLU A 487 -0.95 27.93 -9.86
C GLU A 487 -1.63 26.86 -9.01
N LEU A 488 -0.83 26.24 -8.15
CA LEU A 488 -1.32 25.23 -7.24
C LEU A 488 -1.96 26.03 -6.12
N LEU A 489 -1.54 27.29 -6.00
CA LEU A 489 -2.11 28.20 -5.01
C LEU A 489 -3.54 28.45 -5.45
N ASP A 490 -4.42 27.56 -5.03
CA ASP A 490 -5.80 27.56 -5.44
C ASP A 490 -5.87 27.62 -6.96
#